data_3VWW
#
_entry.id   3VWW
#
_cell.length_a   90.461
_cell.length_b   43.241
_cell.length_c   61.245
_cell.angle_alpha   90.00
_cell.angle_beta   101.29
_cell.angle_gamma   90.00
#
_symmetry.space_group_name_H-M   'C 1 2 1'
#
loop_
_entity.id
_entity.type
_entity.pdbx_description
1 polymer 'Protein disulfide-isomerase A6'
2 non-polymer 'PHOSPHATE ION'
3 water water
#
_entity_poly.entity_id   1
_entity_poly.type   'polypeptide(L)'
_entity_poly.pdbx_seq_one_letter_code
;DDVIELTPSNFNREVIQSDSLWLVEFYAPWCGHCQRLTPEWKKAATALKDVVKVGAVDADKHHSLGGQYGVQGFPTI
(MLY)IFGSNKNRPEDYQGGRTGEAIVDAALSALRQLVKDRLG
;
_entity_poly.pdbx_strand_id   A,B
#
loop_
_chem_comp.id
_chem_comp.type
_chem_comp.name
_chem_comp.formula
PO4 non-polymer 'PHOSPHATE ION' 'O4 P -3'
#
# COMPACT_ATOMS: atom_id res chain seq x y z
N ASP A 1 -1.43 18.42 -6.57
CA ASP A 1 -1.44 17.56 -5.39
C ASP A 1 -1.74 16.11 -5.77
N ASP A 2 -1.79 15.24 -4.76
CA ASP A 2 -1.99 13.81 -4.98
C ASP A 2 -3.42 13.37 -4.68
N VAL A 3 -4.30 14.33 -4.44
CA VAL A 3 -5.71 14.01 -4.20
C VAL A 3 -6.45 13.87 -5.52
N ILE A 4 -7.24 12.80 -5.68
CA ILE A 4 -8.00 12.60 -6.92
C ILE A 4 -9.38 13.27 -6.85
N GLU A 5 -9.69 14.16 -7.79
CA GLU A 5 -11.04 14.73 -7.79
C GLU A 5 -12.06 13.75 -8.34
N LEU A 6 -13.06 13.42 -7.52
CA LEU A 6 -14.09 12.45 -7.89
C LEU A 6 -15.41 13.19 -8.20
N THR A 7 -16.14 12.68 -9.21
CA THR A 7 -17.39 13.32 -9.65
C THR A 7 -18.39 12.20 -9.94
N PRO A 8 -19.68 12.52 -10.09
CA PRO A 8 -20.64 11.47 -10.47
C PRO A 8 -20.21 10.70 -11.72
N SER A 9 -19.46 11.36 -12.60
CA SER A 9 -19.06 10.75 -13.84
C SER A 9 -17.97 9.69 -13.69
N ASN A 10 -17.00 9.91 -12.80
CA ASN A 10 -15.87 8.98 -12.69
C ASN A 10 -15.87 8.12 -11.41
N PHE A 11 -16.80 8.37 -10.49
CA PHE A 11 -16.78 7.68 -9.19
C PHE A 11 -16.79 6.15 -9.30
N ASN A 12 -17.72 5.60 -10.10
CA ASN A 12 -17.77 4.15 -10.24
C ASN A 12 -16.46 3.55 -10.79
N ARG A 13 -15.95 4.14 -11.88
CA ARG A 13 -14.74 3.63 -12.50
C ARG A 13 -13.51 3.75 -11.61
N GLU A 14 -13.40 4.87 -10.91
CA GLU A 14 -12.24 5.14 -10.06
C GLU A 14 -12.29 4.40 -8.73
N VAL A 15 -13.45 4.43 -8.06
CA VAL A 15 -13.56 3.87 -6.71
C VAL A 15 -14.22 2.50 -6.66
N ILE A 16 -15.43 2.38 -7.18
CA ILE A 16 -16.20 1.14 -7.03
C ILE A 16 -15.52 -0.03 -7.75
N GLN A 17 -14.92 0.26 -8.92
CA GLN A 17 -14.29 -0.79 -9.71
C GLN A 17 -12.83 -1.06 -9.31
N SER A 18 -12.39 -0.42 -8.23
CA SER A 18 -10.99 -0.50 -7.81
C SER A 18 -10.72 -1.59 -6.77
N ASP A 19 -9.55 -2.21 -6.85
CA ASP A 19 -9.10 -3.18 -5.84
C ASP A 19 -8.38 -2.50 -4.68
N SER A 20 -8.14 -1.20 -4.83
CA SER A 20 -7.39 -0.43 -3.83
C SER A 20 -8.24 0.05 -2.66
N LEU A 21 -7.58 0.36 -1.56
CA LEU A 21 -8.24 1.06 -0.47
C LEU A 21 -8.37 2.50 -0.91
N TRP A 22 -9.55 3.07 -0.71
CA TRP A 22 -9.83 4.46 -1.03
C TRP A 22 -10.31 5.19 0.21
N LEU A 23 -9.80 6.41 0.40
CA LEU A 23 -10.36 7.36 1.36
C LEU A 23 -10.98 8.47 0.53
N VAL A 24 -12.23 8.83 0.82
CA VAL A 24 -12.89 9.90 0.08
C VAL A 24 -13.44 10.97 1.03
N GLU A 25 -13.05 12.21 0.80
CA GLU A 25 -13.58 13.35 1.56
C GLU A 25 -14.72 14.00 0.79
N PHE A 26 -15.88 14.11 1.42
CA PHE A 26 -17.02 14.79 0.84
C PHE A 26 -17.07 16.14 1.51
N TYR A 27 -16.97 17.19 0.72
CA TYR A 27 -16.80 18.52 1.28
C TYR A 27 -17.70 19.54 0.60
N ALA A 28 -17.74 20.74 1.19
CA ALA A 28 -18.27 21.93 0.52
C ALA A 28 -17.15 22.96 0.57
N PRO A 29 -16.98 23.72 -0.51
CA PRO A 29 -15.88 24.69 -0.56
C PRO A 29 -15.98 25.78 0.52
N TRP A 30 -17.20 26.10 0.93
CA TRP A 30 -17.40 27.18 1.91
C TRP A 30 -17.20 26.71 3.34
N CYS A 31 -17.19 25.41 3.55
CA CYS A 31 -17.06 24.85 4.90
C CYS A 31 -15.70 25.12 5.52
N GLY A 32 -15.70 25.81 6.66
CA GLY A 32 -14.47 26.11 7.39
C GLY A 32 -13.62 24.89 7.73
N HIS A 33 -14.23 23.85 8.27
CA HIS A 33 -13.46 22.65 8.63
C HIS A 33 -12.98 21.91 7.40
N CYS A 34 -13.72 22.04 6.30
CA CYS A 34 -13.25 21.51 5.02
C CYS A 34 -12.01 22.25 4.55
N GLN A 35 -12.05 23.57 4.67
CA GLN A 35 -10.91 24.40 4.29
C GLN A 35 -9.67 24.04 5.13
N ARG A 36 -9.87 23.82 6.42
CA ARG A 36 -8.78 23.49 7.34
C ARG A 36 -8.24 22.09 7.04
N LEU A 37 -9.13 21.19 6.63
CA LEU A 37 -8.72 19.81 6.32
C LEU A 37 -7.86 19.69 5.05
N THR A 38 -8.10 20.58 4.08
CA THR A 38 -7.47 20.49 2.76
C THR A 38 -5.95 20.24 2.75
N PRO A 39 -5.16 21.08 3.45
CA PRO A 39 -3.72 20.78 3.46
C PRO A 39 -3.35 19.48 4.18
N GLU A 40 -4.19 19.05 5.13
CA GLU A 40 -3.94 17.81 5.84
C GLU A 40 -4.30 16.61 4.99
N TRP A 41 -5.36 16.75 4.21
CA TRP A 41 -5.79 15.71 3.28
C TRP A 41 -4.71 15.54 2.21
N LYS A 42 -4.15 16.65 1.73
CA LYS A 42 -3.08 16.62 0.74
C LYS A 42 -1.86 15.89 1.30
N LYS A 43 -1.48 16.22 2.53
CA LYS A 43 -0.35 15.56 3.19
C LYS A 43 -0.52 14.04 3.30
N ALA A 44 -1.72 13.59 3.67
CA ALA A 44 -2.01 12.16 3.77
C ALA A 44 -1.98 11.49 2.40
N ALA A 45 -2.54 12.16 1.39
CA ALA A 45 -2.51 11.63 0.03
C ALA A 45 -1.08 11.44 -0.46
N THR A 46 -0.19 12.37 -0.13
CA THR A 46 1.19 12.26 -0.61
C THR A 46 1.94 11.15 0.15
N ALA A 47 1.69 11.07 1.46
CA ALA A 47 2.34 10.05 2.28
C ALA A 47 1.88 8.67 1.83
N LEU A 48 0.63 8.56 1.41
CA LEU A 48 0.04 7.29 1.01
C LEU A 48 0.09 7.01 -0.50
N LYS A 49 0.81 7.84 -1.24
CA LYS A 49 0.90 7.73 -2.69
C LYS A 49 1.30 6.31 -3.11
N ASP A 50 0.57 5.75 -4.06
CA ASP A 50 0.80 4.38 -4.57
C ASP A 50 0.52 3.27 -3.54
N VAL A 51 -0.04 3.63 -2.39
CA VAL A 51 -0.39 2.67 -1.36
C VAL A 51 -1.91 2.71 -1.12
N VAL A 52 -2.44 3.89 -0.80
CA VAL A 52 -3.88 4.12 -0.63
C VAL A 52 -4.30 5.25 -1.59
N LYS A 53 -5.44 5.11 -2.25
CA LYS A 53 -5.94 6.18 -3.10
C LYS A 53 -6.74 7.17 -2.25
N VAL A 54 -6.57 8.45 -2.50
CA VAL A 54 -7.18 9.50 -1.69
C VAL A 54 -7.90 10.47 -2.61
N GLY A 55 -9.21 10.57 -2.43
CA GLY A 55 -10.04 11.37 -3.33
C GLY A 55 -10.91 12.38 -2.62
N ALA A 56 -11.53 13.26 -3.39
CA ALA A 56 -12.42 14.25 -2.78
C ALA A 56 -13.61 14.53 -3.69
N VAL A 57 -14.77 14.67 -3.07
CA VAL A 57 -15.98 15.01 -3.79
C VAL A 57 -16.55 16.32 -3.27
N ASP A 58 -16.71 17.30 -4.15
CA ASP A 58 -17.47 18.49 -3.80
C ASP A 58 -18.92 18.04 -3.74
N ALA A 59 -19.40 17.77 -2.52
CA ALA A 59 -20.75 17.23 -2.34
C ALA A 59 -21.78 18.35 -2.26
N ASP A 60 -21.33 19.59 -2.42
CA ASP A 60 -22.27 20.69 -2.55
C ASP A 60 -22.61 20.81 -4.02
N LYS A 61 -21.58 20.82 -4.87
CA LYS A 61 -21.81 20.81 -6.32
C LYS A 61 -22.46 19.50 -6.74
N HIS A 62 -21.87 18.38 -6.36
CA HIS A 62 -22.43 17.08 -6.73
C HIS A 62 -23.27 16.52 -5.59
N HIS A 63 -24.37 17.19 -5.29
CA HIS A 63 -25.15 16.83 -4.12
C HIS A 63 -25.83 15.47 -4.28
N SER A 64 -25.95 15.01 -5.52
CA SER A 64 -26.49 13.67 -5.79
C SER A 64 -25.53 12.60 -5.27
N LEU A 65 -24.24 12.82 -5.49
CA LEU A 65 -23.22 11.89 -5.00
C LEU A 65 -23.21 11.89 -3.47
N GLY A 66 -23.32 13.09 -2.89
CA GLY A 66 -23.40 13.20 -1.44
C GLY A 66 -24.63 12.52 -0.87
N GLY A 67 -25.77 12.68 -1.55
CA GLY A 67 -27.00 12.07 -1.09
C GLY A 67 -26.95 10.55 -1.14
N GLN A 68 -26.31 10.01 -2.18
CA GLN A 68 -26.24 8.56 -2.35
C GLN A 68 -25.50 7.92 -1.18
N TYR A 69 -24.48 8.60 -0.70
CA TYR A 69 -23.66 8.11 0.41
C TYR A 69 -24.07 8.63 1.78
N GLY A 70 -25.26 9.23 1.87
CA GLY A 70 -25.81 9.65 3.14
C GLY A 70 -24.95 10.68 3.85
N VAL A 71 -24.31 11.55 3.07
CA VAL A 71 -23.50 12.62 3.63
C VAL A 71 -24.41 13.64 4.28
N GLN A 72 -24.19 13.87 5.57
CA GLN A 72 -24.88 14.94 6.26
C GLN A 72 -23.90 16.11 6.40
N GLY A 73 -23.24 16.20 7.55
CA GLY A 73 -22.31 17.28 7.79
C GLY A 73 -21.08 17.22 6.90
N PHE A 74 -20.44 18.37 6.69
CA PHE A 74 -19.15 18.42 6.00
C PHE A 74 -18.08 18.80 7.03
N PRO A 75 -16.86 18.26 6.88
CA PRO A 75 -16.49 17.26 5.89
C PRO A 75 -16.83 15.86 6.37
N THR A 76 -17.22 15.00 5.45
CA THR A 76 -17.47 13.59 5.76
C THR A 76 -16.40 12.76 5.07
N ILE A 77 -15.75 11.88 5.82
CA ILE A 77 -14.69 11.03 5.23
C ILE A 77 -15.14 9.58 5.28
N MLY A 78 -15.20 8.94 4.11
CA MLY A 78 -15.64 7.55 4.01
CB MLY A 78 -16.71 7.45 2.93
CG MLY A 78 -17.99 8.20 3.32
CD MLY A 78 -18.92 7.31 4.11
CE MLY A 78 -20.33 7.91 4.18
NZ MLY A 78 -21.13 7.03 5.06
CH1 MLY A 78 -22.31 7.75 5.57
CH2 MLY A 78 -21.54 5.84 4.31
C MLY A 78 -14.48 6.69 3.60
O MLY A 78 -13.71 7.07 2.69
N ILE A 79 -14.35 5.51 4.21
CA ILE A 79 -13.32 4.55 3.82
C ILE A 79 -13.92 3.41 3.02
N PHE A 80 -13.42 3.21 1.81
CA PHE A 80 -13.91 2.18 0.90
C PHE A 80 -12.90 1.04 0.87
N GLY A 81 -13.22 -0.07 1.55
CA GLY A 81 -12.32 -1.20 1.65
C GLY A 81 -12.66 -2.31 0.67
N SER A 82 -12.61 -3.58 1.12
CA SER A 82 -12.83 -4.73 0.24
C SER A 82 -14.16 -4.67 -0.48
N ASN A 83 -15.24 -4.47 0.27
CA ASN A 83 -16.56 -4.30 -0.34
C ASN A 83 -16.82 -2.82 -0.58
N LYS A 84 -16.66 -2.39 -1.83
CA LYS A 84 -16.78 -0.98 -2.19
C LYS A 84 -18.22 -0.45 -2.04
N ASN A 85 -19.17 -1.36 -1.86
CA ASN A 85 -20.54 -0.94 -1.63
C ASN A 85 -20.85 -0.67 -0.17
N ARG A 86 -19.89 -0.94 0.71
CA ARG A 86 -20.09 -0.73 2.14
C ARG A 86 -19.01 0.18 2.76
N PRO A 87 -18.96 1.45 2.34
CA PRO A 87 -17.96 2.35 2.93
C PRO A 87 -18.22 2.53 4.43
N GLU A 88 -17.16 2.80 5.17
CA GLU A 88 -17.28 3.09 6.60
C GLU A 88 -16.88 4.52 6.85
N ASP A 89 -17.42 5.12 7.91
CA ASP A 89 -17.09 6.49 8.24
C ASP A 89 -15.82 6.55 9.06
N TYR A 90 -14.97 7.52 8.73
CA TYR A 90 -13.82 7.84 9.55
C TYR A 90 -14.19 9.05 10.41
N GLN A 91 -14.21 8.86 11.71
CA GLN A 91 -14.65 9.92 12.60
C GLN A 91 -13.54 10.37 13.56
N GLY A 92 -12.30 9.99 13.24
CA GLY A 92 -11.15 10.40 14.03
C GLY A 92 -10.72 11.84 13.72
N GLY A 93 -9.62 12.29 14.32
CA GLY A 93 -9.12 13.63 14.10
C GLY A 93 -8.80 13.92 12.64
N ARG A 94 -8.96 15.18 12.23
CA ARG A 94 -8.74 15.59 10.85
C ARG A 94 -7.31 16.10 10.65
N THR A 95 -6.33 15.28 10.99
CA THR A 95 -4.94 15.65 10.83
C THR A 95 -4.30 14.59 9.95
N GLY A 96 -3.19 14.94 9.29
CA GLY A 96 -2.50 13.97 8.46
C GLY A 96 -2.14 12.71 9.22
N GLU A 97 -1.65 12.88 10.44
CA GLU A 97 -1.16 11.76 11.24
C GLU A 97 -2.30 10.80 11.60
N ALA A 98 -3.43 11.35 12.08
CA ALA A 98 -4.57 10.52 12.43
C ALA A 98 -5.17 9.84 11.19
N ILE A 99 -5.23 10.58 10.09
CA ILE A 99 -5.80 10.04 8.84
C ILE A 99 -4.96 8.88 8.29
N VAL A 100 -3.65 9.07 8.24
CA VAL A 100 -2.73 8.02 7.81
C VAL A 100 -2.83 6.75 8.69
N ASP A 101 -2.92 6.94 10.00
CA ASP A 101 -3.09 5.81 10.90
C ASP A 101 -4.36 5.03 10.61
N ALA A 102 -5.48 5.73 10.44
CA ALA A 102 -6.73 5.07 10.09
C ALA A 102 -6.62 4.39 8.73
N ALA A 103 -5.93 5.02 7.79
CA ALA A 103 -5.77 4.46 6.45
C ALA A 103 -4.96 3.16 6.52
N LEU A 104 -3.87 3.18 7.29
CA LEU A 104 -3.02 1.99 7.41
C LEU A 104 -3.75 0.84 8.12
N SER A 105 -4.59 1.18 9.10
CA SER A 105 -5.40 0.17 9.77
CA SER A 105 -5.39 0.17 9.76
C SER A 105 -6.42 -0.46 8.82
N ALA A 106 -7.12 0.38 8.06
CA ALA A 106 -8.06 -0.13 7.06
C ALA A 106 -7.33 -0.92 5.96
N LEU A 107 -6.11 -0.49 5.63
CA LEU A 107 -5.29 -1.19 4.64
C LEU A 107 -4.97 -2.61 5.11
N ARG A 108 -4.66 -2.75 6.39
CA ARG A 108 -4.41 -4.06 6.97
C ARG A 108 -5.63 -4.98 6.78
N GLN A 109 -6.82 -4.45 7.03
CA GLN A 109 -8.03 -5.26 6.89
C GLN A 109 -8.22 -5.68 5.44
N LEU A 110 -7.98 -4.75 4.52
CA LEU A 110 -8.14 -5.03 3.09
C LEU A 110 -7.21 -6.16 2.66
N VAL A 111 -5.97 -6.09 3.11
CA VAL A 111 -4.99 -7.12 2.79
C VAL A 111 -5.31 -8.47 3.46
N LYS A 112 -5.83 -8.44 4.68
CA LYS A 112 -6.26 -9.69 5.34
C LYS A 112 -7.44 -10.33 4.59
N ASP A 113 -8.35 -9.50 4.11
CA ASP A 113 -9.49 -9.96 3.31
C ASP A 113 -9.01 -10.70 2.04
N ARG A 114 -8.02 -10.11 1.37
CA ARG A 114 -7.42 -10.75 0.20
C ARG A 114 -6.75 -12.05 0.58
N LEU A 115 -5.97 -12.03 1.66
CA LEU A 115 -5.21 -13.21 2.05
C LEU A 115 -6.13 -14.37 2.40
N GLY A 116 -7.26 -14.06 3.02
CA GLY A 116 -8.23 -15.07 3.43
C GLY A 116 -9.39 -15.23 2.47
N ASP B 1 2.07 -15.11 -11.94
CA ASP B 1 1.85 -14.75 -10.55
C ASP B 1 2.15 -13.27 -10.29
N ASP B 2 2.10 -12.86 -9.02
CA ASP B 2 2.33 -11.46 -8.67
C ASP B 2 3.74 -11.20 -8.16
N VAL B 3 4.57 -12.24 -8.17
CA VAL B 3 5.96 -12.10 -7.79
C VAL B 3 6.72 -11.52 -8.98
N ILE B 4 7.51 -10.47 -8.74
CA ILE B 4 8.27 -9.86 -9.83
C ILE B 4 9.64 -10.51 -9.92
N GLU B 5 9.96 -11.10 -11.06
CA GLU B 5 11.29 -11.67 -11.23
C GLU B 5 12.32 -10.57 -11.46
N LEU B 6 13.32 -10.54 -10.59
CA LEU B 6 14.33 -9.48 -10.57
C LEU B 6 15.67 -10.00 -11.05
N THR B 7 16.37 -9.19 -11.85
CA THR B 7 17.57 -9.65 -12.54
C THR B 7 18.56 -8.50 -12.53
N PRO B 8 19.82 -8.77 -12.92
CA PRO B 8 20.76 -7.64 -12.98
C PRO B 8 20.27 -6.54 -13.93
N SER B 9 19.50 -6.91 -14.95
CA SER B 9 19.07 -5.94 -15.95
C SER B 9 17.92 -5.04 -15.50
N ASN B 10 17.09 -5.50 -14.55
CA ASN B 10 15.99 -4.66 -14.07
C ASN B 10 16.05 -4.21 -12.60
N PHE B 11 17.03 -4.71 -11.84
CA PHE B 11 17.04 -4.47 -10.38
C PHE B 11 17.08 -2.98 -10.01
N ASN B 12 17.90 -2.21 -10.72
CA ASN B 12 18.03 -0.77 -10.42
C ASN B 12 16.72 -0.01 -10.63
N ARG B 13 16.15 -0.11 -11.83
CA ARG B 13 14.90 0.57 -12.14
C ARG B 13 13.75 0.08 -11.26
N GLU B 14 13.70 -1.22 -11.01
CA GLU B 14 12.56 -1.81 -10.31
C GLU B 14 12.58 -1.51 -8.83
N VAL B 15 13.74 -1.75 -8.21
CA VAL B 15 13.86 -1.67 -6.75
C VAL B 15 14.51 -0.38 -6.27
N ILE B 16 15.71 -0.08 -6.76
CA ILE B 16 16.48 1.04 -6.20
C ILE B 16 15.82 2.39 -6.49
N GLN B 17 15.24 2.51 -7.69
CA GLN B 17 14.61 3.76 -8.11
C GLN B 17 13.14 3.83 -7.69
N SER B 18 12.73 2.90 -6.84
CA SER B 18 11.33 2.83 -6.43
C SER B 18 11.10 3.45 -5.05
N ASP B 19 9.97 4.13 -4.91
CA ASP B 19 9.52 4.68 -3.62
C ASP B 19 8.79 3.65 -2.78
N SER B 20 8.42 2.52 -3.41
CA SER B 20 7.63 1.49 -2.75
C SER B 20 8.45 0.67 -1.76
N LEU B 21 7.76 0.00 -0.86
CA LEU B 21 8.43 -1.00 -0.03
C LEU B 21 8.57 -2.22 -0.92
N TRP B 22 9.75 -2.84 -0.86
CA TRP B 22 10.06 -4.03 -1.64
C TRP B 22 10.50 -5.14 -0.67
N LEU B 23 9.95 -6.33 -0.87
CA LEU B 23 10.42 -7.53 -0.20
C LEU B 23 11.05 -8.35 -1.32
N VAL B 24 12.27 -8.83 -1.11
CA VAL B 24 12.95 -9.57 -2.17
C VAL B 24 13.54 -10.87 -1.65
N GLU B 25 13.13 -11.99 -2.26
CA GLU B 25 13.65 -13.30 -1.91
C GLU B 25 14.83 -13.63 -2.83
N PHE B 26 16.00 -13.88 -2.24
CA PHE B 26 17.13 -14.39 -3.01
C PHE B 26 17.15 -15.90 -2.86
N TYR B 27 17.05 -16.62 -3.98
CA TYR B 27 16.84 -18.06 -3.94
C TYR B 27 17.72 -18.78 -4.95
N ALA B 28 17.70 -20.10 -4.87
CA ALA B 28 18.21 -20.96 -5.93
C ALA B 28 17.10 -21.97 -6.19
N PRO B 29 16.89 -22.30 -7.46
CA PRO B 29 15.77 -23.19 -7.86
C PRO B 29 15.92 -24.58 -7.26
N TRP B 30 17.15 -25.04 -7.06
CA TRP B 30 17.39 -26.40 -6.55
C TRP B 30 17.18 -26.49 -5.04
N CYS B 31 17.10 -25.34 -4.37
CA CYS B 31 17.04 -25.31 -2.91
C CYS B 31 15.70 -25.77 -2.34
N GLY B 32 15.73 -26.84 -1.55
CA GLY B 32 14.53 -27.41 -0.96
C GLY B 32 13.70 -26.40 -0.15
N HIS B 33 14.37 -25.59 0.66
CA HIS B 33 13.67 -24.60 1.45
C HIS B 33 13.08 -23.51 0.58
N CYS B 34 13.75 -23.18 -0.52
CA CYS B 34 13.24 -22.19 -1.46
C CYS B 34 11.96 -22.68 -2.12
N GLN B 35 11.96 -23.95 -2.55
CA GLN B 35 10.77 -24.54 -3.14
C GLN B 35 9.58 -24.55 -2.18
N ARG B 36 9.86 -24.81 -0.91
CA ARG B 36 8.82 -24.80 0.12
C ARG B 36 8.25 -23.37 0.28
N LEU B 37 9.14 -22.38 0.22
CA LEU B 37 8.73 -20.99 0.37
C LEU B 37 7.87 -20.48 -0.79
N THR B 38 8.16 -20.96 -1.99
CA THR B 38 7.53 -20.48 -3.22
C THR B 38 5.99 -20.24 -3.16
N PRO B 39 5.22 -21.24 -2.68
CA PRO B 39 3.76 -20.99 -2.63
C PRO B 39 3.38 -19.90 -1.61
N GLU B 40 4.14 -19.78 -0.53
CA GLU B 40 3.87 -18.74 0.48
C GLU B 40 4.27 -17.36 -0.05
N TRP B 41 5.35 -17.32 -0.80
CA TRP B 41 5.83 -16.06 -1.40
C TRP B 41 4.78 -15.54 -2.40
N LYS B 42 4.25 -16.44 -3.23
CA LYS B 42 3.17 -16.09 -4.15
C LYS B 42 1.94 -15.56 -3.43
N LYS B 43 1.54 -16.24 -2.35
CA LYS B 43 0.37 -15.84 -1.57
C LYS B 43 0.52 -14.43 -1.04
N ALA B 44 1.71 -14.13 -0.54
CA ALA B 44 2.03 -12.80 -0.02
C ALA B 44 2.01 -11.74 -1.13
N ALA B 45 2.61 -12.07 -2.27
CA ALA B 45 2.68 -11.13 -3.39
C ALA B 45 1.28 -10.74 -3.85
N THR B 46 0.40 -11.74 -3.93
CA THR B 46 -0.99 -11.52 -4.32
C THR B 46 -1.76 -10.66 -3.29
N ALA B 47 -1.64 -10.99 -2.02
CA ALA B 47 -2.32 -10.23 -0.96
C ALA B 47 -1.84 -8.78 -0.90
N LEU B 48 -0.56 -8.58 -1.21
CA LEU B 48 0.04 -7.26 -1.19
C LEU B 48 0.06 -6.55 -2.55
N LYS B 49 -0.65 -7.10 -3.54
CA LYS B 49 -0.69 -6.47 -4.88
C LYS B 49 -0.98 -4.96 -4.80
N ASP B 50 -0.15 -4.17 -5.49
CA ASP B 50 -0.27 -2.70 -5.53
C ASP B 50 -0.14 -2.02 -4.18
N VAL B 51 0.42 -2.72 -3.20
CA VAL B 51 0.57 -2.16 -1.87
C VAL B 51 2.05 -2.26 -1.48
N VAL B 52 2.58 -3.49 -1.53
CA VAL B 52 4.01 -3.76 -1.31
C VAL B 52 4.50 -4.57 -2.50
N LYS B 53 5.66 -4.21 -3.04
CA LYS B 53 6.24 -4.94 -4.17
C LYS B 53 6.95 -6.18 -3.65
N VAL B 54 6.73 -7.31 -4.31
CA VAL B 54 7.34 -8.57 -3.86
C VAL B 54 8.09 -9.19 -5.02
N GLY B 55 9.41 -9.35 -4.87
CA GLY B 55 10.22 -9.83 -5.96
C GLY B 55 11.07 -11.02 -5.59
N ALA B 56 11.74 -11.60 -6.58
CA ALA B 56 12.62 -12.74 -6.34
C ALA B 56 13.80 -12.68 -7.30
N VAL B 57 14.99 -12.97 -6.78
CA VAL B 57 16.24 -13.01 -7.57
C VAL B 57 16.77 -14.45 -7.54
N ASP B 58 16.97 -15.06 -8.71
CA ASP B 58 17.66 -16.34 -8.76
C ASP B 58 19.13 -16.01 -8.58
N ALA B 59 19.62 -16.16 -7.35
CA ALA B 59 20.99 -15.77 -7.02
C ALA B 59 22.01 -16.83 -7.39
N ASP B 60 21.53 -18.00 -7.82
CA ASP B 60 22.43 -19.00 -8.37
C ASP B 60 22.77 -18.63 -9.81
N LYS B 61 21.76 -18.22 -10.57
CA LYS B 61 21.98 -17.76 -11.94
C LYS B 61 22.68 -16.40 -11.97
N HIS B 62 22.21 -15.48 -11.13
CA HIS B 62 22.78 -14.14 -11.07
C HIS B 62 23.57 -13.96 -9.80
N HIS B 63 24.65 -14.72 -9.62
CA HIS B 63 25.40 -14.64 -8.36
C HIS B 63 26.08 -13.29 -8.12
N SER B 64 26.17 -12.46 -9.16
CA SER B 64 26.64 -11.08 -9.00
C SER B 64 25.72 -10.27 -8.09
N LEU B 65 24.41 -10.45 -8.28
CA LEU B 65 23.42 -9.78 -7.45
C LEU B 65 23.47 -10.38 -6.05
N GLY B 66 23.67 -11.70 -6.00
CA GLY B 66 23.80 -12.40 -4.74
C GLY B 66 25.01 -11.89 -3.96
N GLY B 67 26.08 -11.59 -4.67
CA GLY B 67 27.30 -11.11 -4.05
C GLY B 67 27.19 -9.65 -3.65
N GLN B 68 26.49 -8.87 -4.46
CA GLN B 68 26.26 -7.47 -4.13
C GLN B 68 25.58 -7.30 -2.78
N TYR B 69 24.62 -8.19 -2.50
CA TYR B 69 23.84 -8.16 -1.27
C TYR B 69 24.27 -9.19 -0.24
N GLY B 70 25.43 -9.80 -0.47
CA GLY B 70 26.05 -10.71 0.48
C GLY B 70 25.15 -11.83 0.92
N VAL B 71 24.41 -12.39 -0.04
CA VAL B 71 23.53 -13.52 0.23
C VAL B 71 24.37 -14.74 0.61
N GLN B 72 24.07 -15.31 1.77
CA GLN B 72 24.67 -16.59 2.14
C GLN B 72 23.69 -17.74 1.88
N GLY B 73 23.09 -18.30 2.91
CA GLY B 73 22.17 -19.42 2.71
C GLY B 73 20.90 -19.02 1.96
N PHE B 74 20.38 -19.89 1.10
CA PHE B 74 19.10 -19.65 0.45
C PHE B 74 18.00 -20.35 1.25
N PRO B 75 16.79 -19.77 1.32
CA PRO B 75 16.48 -18.43 0.79
C PRO B 75 16.89 -17.34 1.76
N THR B 76 17.22 -16.18 1.23
CA THR B 76 17.41 -14.99 2.05
C THR B 76 16.41 -13.94 1.62
N ILE B 77 15.67 -13.41 2.58
CA ILE B 77 14.66 -12.39 2.32
C ILE B 77 15.15 -11.04 2.85
N MLY B 78 15.26 -10.06 1.96
CA MLY B 78 15.67 -8.73 2.35
CB MLY B 78 16.88 -8.30 1.53
CG MLY B 78 18.07 -9.16 1.98
CD MLY B 78 19.43 -8.60 1.58
CE MLY B 78 20.54 -9.53 2.03
NZ MLY B 78 21.01 -9.17 3.38
CH1 MLY B 78 22.23 -9.95 3.71
CH2 MLY B 78 21.32 -7.73 3.45
C MLY B 78 14.52 -7.78 2.13
O MLY B 78 13.77 -7.91 1.13
N ILE B 79 14.36 -6.82 3.05
CA ILE B 79 13.34 -5.79 2.94
C ILE B 79 14.01 -4.47 2.57
N PHE B 80 13.60 -3.90 1.44
CA PHE B 80 14.14 -2.62 0.98
C PHE B 80 13.11 -1.53 1.27
N GLY B 81 13.32 -0.75 2.33
CA GLY B 81 12.39 0.29 2.73
C GLY B 81 12.80 1.67 2.20
N SER B 82 12.73 2.69 3.05
CA SER B 82 12.98 4.07 2.61
C SER B 82 14.37 4.24 2.04
N ASN B 83 15.35 3.64 2.71
CA ASN B 83 16.73 3.75 2.25
C ASN B 83 17.05 2.50 1.46
N LYS B 84 16.94 2.58 0.14
CA LYS B 84 17.13 1.41 -0.71
C LYS B 84 18.57 0.89 -0.69
N ASN B 85 19.50 1.68 -0.14
CA ASN B 85 20.89 1.27 -0.04
C ASN B 85 21.17 0.43 1.21
N ARG B 86 20.20 0.33 2.09
CA ARG B 86 20.40 -0.39 3.34
C ARG B 86 19.25 -1.40 3.58
N PRO B 87 19.15 -2.41 2.70
CA PRO B 87 18.13 -3.43 2.95
C PRO B 87 18.42 -4.15 4.27
N GLU B 88 17.37 -4.69 4.88
CA GLU B 88 17.52 -5.43 6.13
C GLU B 88 17.03 -6.85 5.94
N ASP B 89 17.56 -7.78 6.73
CA ASP B 89 17.16 -9.18 6.63
C ASP B 89 15.84 -9.43 7.35
N TYR B 90 14.96 -10.16 6.69
CA TYR B 90 13.73 -10.63 7.33
C TYR B 90 13.96 -12.01 7.96
N GLN B 91 13.77 -12.11 9.27
CA GLN B 91 14.03 -13.38 9.95
C GLN B 91 12.78 -14.02 10.58
N GLY B 92 11.61 -13.52 10.22
CA GLY B 92 10.36 -14.07 10.73
C GLY B 92 9.93 -15.32 10.00
N GLY B 93 8.73 -15.82 10.32
CA GLY B 93 8.22 -17.04 9.74
C GLY B 93 8.03 -16.96 8.24
N ARG B 94 8.16 -18.10 7.56
CA ARG B 94 8.07 -18.13 6.11
C ARG B 94 6.66 -18.40 5.59
N THR B 95 5.65 -18.12 6.40
CA THR B 95 4.27 -18.30 5.96
C THR B 95 3.79 -17.00 5.34
N GLY B 96 2.80 -17.09 4.46
CA GLY B 96 2.23 -15.90 3.85
C GLY B 96 1.73 -14.91 4.89
N GLU B 97 1.08 -15.43 5.92
CA GLU B 97 0.53 -14.56 6.97
C GLU B 97 1.65 -13.80 7.65
N ALA B 98 2.74 -14.50 7.99
CA ALA B 98 3.86 -13.87 8.70
C ALA B 98 4.55 -12.84 7.82
N ILE B 99 4.74 -13.20 6.55
CA ILE B 99 5.39 -12.30 5.60
C ILE B 99 4.56 -11.05 5.41
N VAL B 100 3.25 -11.23 5.23
CA VAL B 100 2.35 -10.08 5.09
C VAL B 100 2.37 -9.18 6.33
N ASP B 101 2.34 -9.76 7.52
CA ASP B 101 2.39 -8.95 8.75
C ASP B 101 3.68 -8.13 8.84
N ALA B 102 4.79 -8.73 8.45
CA ALA B 102 6.06 -8.03 8.49
C ALA B 102 6.13 -6.93 7.42
N ALA B 103 5.58 -7.22 6.25
CA ALA B 103 5.52 -6.24 5.17
C ALA B 103 4.70 -5.03 5.61
N LEU B 104 3.58 -5.27 6.28
CA LEU B 104 2.73 -4.18 6.74
C LEU B 104 3.42 -3.31 7.82
N SER B 105 4.12 -3.95 8.75
CA SER B 105 4.89 -3.23 9.76
CA SER B 105 4.89 -3.23 9.76
C SER B 105 5.96 -2.33 9.13
N ALA B 106 6.69 -2.88 8.16
CA ALA B 106 7.72 -2.10 7.47
C ALA B 106 7.09 -1.00 6.59
N LEU B 107 5.94 -1.31 5.99
CA LEU B 107 5.19 -0.29 5.24
C LEU B 107 4.80 0.87 6.15
N ARG B 108 4.36 0.57 7.37
CA ARG B 108 4.01 1.65 8.30
C ARG B 108 5.19 2.57 8.50
N GLN B 109 6.38 2.00 8.67
CA GLN B 109 7.57 2.80 8.88
C GLN B 109 7.87 3.66 7.65
N LEU B 110 7.77 3.08 6.45
CA LEU B 110 7.99 3.84 5.21
C LEU B 110 7.02 5.04 5.07
N VAL B 111 5.74 4.79 5.28
CA VAL B 111 4.73 5.86 5.16
C VAL B 111 4.93 6.94 6.23
N LYS B 112 5.24 6.50 7.45
CA LYS B 112 5.57 7.45 8.51
C LYS B 112 6.79 8.30 8.12
N ASP B 113 7.80 7.68 7.52
CA ASP B 113 8.99 8.43 7.06
C ASP B 113 8.60 9.51 6.03
N ARG B 114 7.74 9.15 5.08
CA ARG B 114 7.28 10.09 4.06
C ARG B 114 6.55 11.27 4.69
N LEU B 115 5.62 10.97 5.59
CA LEU B 115 4.80 11.99 6.24
C LEU B 115 5.61 12.97 7.10
N GLY B 116 6.69 12.49 7.70
CA GLY B 116 7.52 13.34 8.55
C GLY B 116 8.47 14.23 7.76
P PO4 C . -14.77 18.18 11.58
O1 PO4 C . -13.65 18.82 10.79
O2 PO4 C . -15.92 19.15 11.73
O3 PO4 C . -15.26 16.95 10.86
O4 PO4 C . -14.20 17.81 12.94
P PO4 D . 19.96 4.87 -15.27
O1 PO4 D . 20.71 6.13 -15.64
O2 PO4 D . 18.77 4.69 -16.18
O3 PO4 D . 20.88 3.67 -15.37
O4 PO4 D . 19.45 5.00 -13.85
#